data_1G4H
#
_entry.id   1G4H
#
_cell.length_a   50.800
_cell.length_b   72.040
_cell.length_c   73.340
_cell.angle_alpha   90.00
_cell.angle_beta   90.00
_cell.angle_gamma   90.00
#
_symmetry.space_group_name_H-M   'P 21 21 2'
#
loop_
_entity.id
_entity.type
_entity.pdbx_description
1 polymer '1,3,4,6-TETRACHLORO-1,4-CYCLOHEXADIENE HYDROLASE'
2 non-polymer 'CALCIUM ION'
3 non-polymer 'CHLORIDE ION'
4 non-polymer 1-BUTANOL
5 water water
#
_entity_poly.entity_id   1
_entity_poly.type   'polypeptide(L)'
_entity_poly.pdbx_seq_one_letter_code
;MSLGAKPFGEKKFIEIKGRRMAYIDEGTGDPILFQHGNPTSSYLWRNIMPHCAGLGRLIACDLIGMGDSDKLDPSGPERY
AYAEHRDYLDALWEALDLGDRVVLVVHDWGSALGFDWARRHRERVQGIAYMEAIAMPIEWADFPEQDRDLFQAFRSQAGE
ELVLQDNVFVEQVLPGLILRPLSEAEMAAYREPFLAAGEARRPTLSWPRQIPIAGTPADVVAIARDYAGWLSESPIPKLF
INAEPGALTTGRMRDFCRTWPNQTEITVAGAHFIQEDSPDEIGAAIAAFV(2MR)RLRPA
;
_entity_poly.pdbx_strand_id   A
#
loop_
_chem_comp.id
_chem_comp.type
_chem_comp.name
_chem_comp.formula
1BO non-polymer 1-BUTANOL 'C4 H10 O'
CA non-polymer 'CALCIUM ION' 'Ca 2'
CL non-polymer 'CHLORIDE ION' 'Cl -1'
#
# COMPACT_ATOMS: atom_id res chain seq x y z
N LEU A 3 17.71 -9.19 -7.69
CA LEU A 3 16.52 -8.76 -6.91
C LEU A 3 16.62 -9.25 -5.46
N GLY A 4 16.43 -10.54 -5.25
CA GLY A 4 16.51 -11.08 -3.91
C GLY A 4 15.16 -11.38 -3.30
N ALA A 5 15.02 -12.56 -2.71
CA ALA A 5 13.77 -12.98 -2.09
C ALA A 5 13.84 -12.89 -0.57
N LYS A 6 15.00 -12.55 -0.05
CA LYS A 6 15.19 -12.44 1.40
C LYS A 6 14.52 -11.17 1.93
N PRO A 7 13.80 -11.27 3.05
CA PRO A 7 13.12 -10.11 3.62
C PRO A 7 14.15 -9.08 4.13
N PHE A 8 13.70 -7.84 4.31
N PHE A 8 13.67 -7.87 4.40
CA PHE A 8 14.61 -6.78 4.75
CA PHE A 8 14.53 -6.83 4.92
C PHE A 8 15.19 -7.01 6.14
C PHE A 8 14.38 -6.82 6.45
N GLY A 9 14.47 -6.59 7.17
N GLY A 9 15.49 -7.01 7.15
CA GLY A 9 14.95 -6.77 8.52
CA GLY A 9 15.45 -7.02 8.60
C GLY A 9 14.11 -7.78 9.27
C GLY A 9 14.62 -8.12 9.25
N GLU A 10 14.40 -7.98 10.55
CA GLU A 10 13.63 -8.94 11.33
C GLU A 10 12.26 -8.38 11.66
N LYS A 11 11.26 -9.25 11.73
CA LYS A 11 9.90 -8.85 12.04
C LYS A 11 9.75 -8.63 13.55
N LYS A 12 9.14 -7.51 13.92
CA LYS A 12 8.91 -7.18 15.31
C LYS A 12 7.41 -7.25 15.55
N PHE A 13 7.00 -7.50 16.79
CA PHE A 13 5.58 -7.59 17.11
C PHE A 13 5.17 -6.68 18.27
N ILE A 14 3.95 -6.16 18.18
CA ILE A 14 3.43 -5.28 19.22
C ILE A 14 1.92 -5.47 19.30
N GLU A 15 1.37 -5.41 20.51
CA GLU A 15 -0.06 -5.60 20.68
C GLU A 15 -0.86 -4.32 20.45
N ILE A 16 -1.87 -4.43 19.59
CA ILE A 16 -2.75 -3.31 19.27
C ILE A 16 -4.19 -3.78 19.33
N LYS A 17 -4.99 -3.08 20.12
CA LYS A 17 -6.41 -3.41 20.26
C LYS A 17 -6.61 -4.89 20.57
N GLY A 18 -5.73 -5.43 21.41
CA GLY A 18 -5.83 -6.83 21.79
C GLY A 18 -5.39 -7.82 20.72
N ARG A 19 -4.78 -7.32 19.65
CA ARG A 19 -4.32 -8.16 18.57
C ARG A 19 -2.82 -7.93 18.39
N ARG A 20 -2.16 -8.86 17.72
CA ARG A 20 -0.73 -8.71 17.49
C ARG A 20 -0.47 -8.28 16.05
N MET A 21 0.31 -7.22 15.89
CA MET A 21 0.64 -6.72 14.57
C MET A 21 2.16 -6.79 14.36
N ALA A 22 2.56 -7.16 13.16
CA ALA A 22 3.96 -7.29 12.82
C ALA A 22 4.44 -6.12 11.97
N TYR A 23 5.72 -5.79 12.12
CA TYR A 23 6.31 -4.69 11.37
C TYR A 23 7.82 -4.76 11.40
N ILE A 24 8.45 -4.02 10.49
CA ILE A 24 9.90 -3.93 10.42
C ILE A 24 10.22 -2.51 10.90
N ASP A 25 11.25 -2.37 11.73
CA ASP A 25 11.64 -1.08 12.28
C ASP A 25 13.17 -1.11 12.44
N GLU A 26 13.87 -0.56 11.45
CA GLU A 26 15.32 -0.55 11.46
C GLU A 26 15.93 0.83 11.33
N GLY A 27 16.92 1.12 12.16
CA GLY A 27 17.59 2.41 12.09
C GLY A 27 17.08 3.43 13.10
N THR A 28 17.64 4.62 13.03
CA THR A 28 17.27 5.69 13.95
C THR A 28 17.00 6.98 13.19
N GLY A 29 16.32 7.91 13.84
CA GLY A 29 16.01 9.19 13.23
C GLY A 29 14.56 9.30 12.83
N ASP A 30 14.27 10.24 11.93
CA ASP A 30 12.91 10.45 11.46
C ASP A 30 12.49 9.29 10.57
N PRO A 31 11.27 8.78 10.77
CA PRO A 31 10.74 7.65 9.99
C PRO A 31 10.55 7.84 8.50
N ILE A 32 10.78 6.74 7.77
CA ILE A 32 10.56 6.65 6.34
C ILE A 32 9.63 5.44 6.42
N LEU A 33 8.33 5.72 6.34
CA LEU A 33 7.29 4.72 6.50
C LEU A 33 6.73 4.14 5.20
N PHE A 34 6.99 2.85 4.98
CA PHE A 34 6.54 2.16 3.77
C PHE A 34 5.26 1.36 4.05
N GLN A 35 4.19 1.64 3.31
CA GLN A 35 2.95 0.91 3.54
C GLN A 35 2.44 0.17 2.30
N HIS A 36 2.39 -1.16 2.42
CA HIS A 36 1.92 -2.05 1.36
C HIS A 36 0.40 -2.03 1.22
N GLY A 37 -0.08 -2.68 0.16
CA GLY A 37 -1.50 -2.77 -0.10
C GLY A 37 -1.96 -4.21 -0.25
N ASN A 38 -2.93 -4.45 -1.13
CA ASN A 38 -3.47 -5.80 -1.31
C ASN A 38 -2.91 -6.51 -2.55
N PRO A 39 -2.52 -7.80 -2.40
CA PRO A 39 -2.54 -8.71 -1.25
C PRO A 39 -1.11 -8.92 -0.74
N THR A 40 -0.36 -7.85 -0.57
CA THR A 40 1.03 -7.97 -0.15
C THR A 40 1.25 -7.80 1.35
N SER A 41 2.47 -7.39 1.72
CA SER A 41 2.84 -7.17 3.11
C SER A 41 4.11 -6.33 3.10
N SER A 42 4.76 -6.21 4.26
CA SER A 42 6.00 -5.44 4.34
C SER A 42 7.03 -5.99 3.36
N TYR A 43 6.93 -7.29 3.06
CA TYR A 43 7.82 -7.99 2.13
C TYR A 43 7.95 -7.27 0.78
N LEU A 44 6.90 -6.57 0.38
CA LEU A 44 6.89 -5.85 -0.89
C LEU A 44 8.02 -4.85 -1.03
N TRP A 45 8.45 -4.29 0.10
CA TRP A 45 9.50 -3.27 0.08
C TRP A 45 10.92 -3.75 0.39
N ARG A 46 11.10 -5.06 0.52
CA ARG A 46 12.41 -5.63 0.87
C ARG A 46 13.61 -5.16 0.05
N ASN A 47 13.43 -4.96 -1.24
CA ASN A 47 14.54 -4.53 -2.10
C ASN A 47 14.57 -3.02 -2.33
N ILE A 48 13.65 -2.32 -1.68
CA ILE A 48 13.56 -0.87 -1.81
C ILE A 48 14.07 -0.16 -0.56
N MET A 49 13.69 -0.67 0.62
CA MET A 49 14.12 -0.07 1.87
C MET A 49 15.65 0.06 2.03
N PRO A 50 16.42 -0.89 1.49
CA PRO A 50 17.89 -0.82 1.61
C PRO A 50 18.49 0.49 1.07
N HIS A 51 17.91 1.02 -0.01
CA HIS A 51 18.42 2.25 -0.59
C HIS A 51 18.34 3.43 0.37
N CYS A 52 17.50 3.33 1.39
CA CYS A 52 17.35 4.42 2.36
C CYS A 52 18.16 4.20 3.63
N ALA A 53 19.07 3.24 3.60
CA ALA A 53 19.91 2.93 4.75
C ALA A 53 20.63 4.17 5.25
N GLY A 54 20.53 4.42 6.55
CA GLY A 54 21.18 5.57 7.15
C GLY A 54 20.52 6.92 6.94
N LEU A 55 19.40 6.93 6.22
CA LEU A 55 18.69 8.19 5.95
C LEU A 55 17.53 8.41 6.92
N GLY A 56 17.27 7.40 7.74
CA GLY A 56 16.20 7.52 8.69
C GLY A 56 15.80 6.18 9.28
N ARG A 57 14.75 6.20 10.07
CA ARG A 57 14.22 5.01 10.72
C ARG A 57 13.30 4.35 9.70
N LEU A 58 13.74 3.21 9.17
CA LEU A 58 13.01 2.47 8.14
C LEU A 58 11.95 1.54 8.71
N ILE A 59 10.68 1.88 8.46
CA ILE A 59 9.56 1.13 8.99
C ILE A 59 8.61 0.61 7.90
N ALA A 60 8.15 -0.62 8.07
CA ALA A 60 7.21 -1.24 7.13
C ALA A 60 6.26 -2.12 7.95
N CYS A 61 5.00 -1.71 8.06
CA CYS A 61 4.02 -2.46 8.84
C CYS A 61 3.16 -3.41 8.01
N ASP A 62 2.79 -4.53 8.64
CA ASP A 62 1.93 -5.52 8.00
C ASP A 62 0.50 -5.18 8.43
N LEU A 63 -0.37 -4.86 7.48
CA LEU A 63 -1.75 -4.52 7.81
C LEU A 63 -2.40 -5.67 8.56
N ILE A 64 -3.38 -5.34 9.41
CA ILE A 64 -4.06 -6.37 10.19
C ILE A 64 -4.61 -7.45 9.26
N GLY A 65 -4.45 -8.71 9.66
CA GLY A 65 -4.93 -9.82 8.86
C GLY A 65 -4.00 -10.15 7.69
N MET A 66 -2.92 -9.41 7.58
CA MET A 66 -1.97 -9.62 6.49
C MET A 66 -0.55 -9.82 7.00
N GLY A 67 0.32 -10.33 6.13
CA GLY A 67 1.70 -10.57 6.53
C GLY A 67 1.74 -11.41 7.80
N ASP A 68 2.53 -10.96 8.78
CA ASP A 68 2.62 -11.68 10.04
C ASP A 68 1.70 -11.11 11.13
N SER A 69 0.82 -10.19 10.75
CA SER A 69 -0.13 -9.61 11.71
C SER A 69 -1.28 -10.57 11.97
N ASP A 70 -1.83 -10.53 13.18
CA ASP A 70 -2.94 -11.39 13.57
C ASP A 70 -4.17 -11.29 12.67
N LYS A 71 -4.96 -12.37 12.62
CA LYS A 71 -6.19 -12.37 11.85
C LYS A 71 -7.25 -11.83 12.81
N LEU A 72 -8.35 -11.30 12.26
CA LEU A 72 -9.43 -10.76 13.09
C LEU A 72 -10.61 -11.72 13.21
N ASP A 73 -10.55 -12.63 14.17
CA ASP A 73 -11.63 -13.59 14.36
C ASP A 73 -12.63 -13.10 15.39
N PRO A 74 -13.93 -13.34 15.18
CA PRO A 74 -14.50 -14.05 14.02
C PRO A 74 -14.50 -13.19 12.76
N SER A 75 -14.04 -13.78 11.65
CA SER A 75 -13.97 -13.07 10.37
C SER A 75 -15.20 -13.37 9.52
N GLY A 76 -15.55 -12.44 8.64
CA GLY A 76 -16.69 -12.61 7.77
C GLY A 76 -16.79 -11.47 6.78
N PRO A 77 -17.91 -11.38 6.04
CA PRO A 77 -18.13 -10.34 5.04
C PRO A 77 -18.02 -8.90 5.56
N GLU A 78 -18.26 -8.72 6.87
CA GLU A 78 -18.21 -7.40 7.48
C GLU A 78 -16.83 -7.02 8.02
N ARG A 79 -15.90 -7.97 8.03
CA ARG A 79 -14.57 -7.72 8.56
C ARG A 79 -13.58 -7.21 7.51
N TYR A 80 -12.55 -6.51 7.99
CA TYR A 80 -11.48 -5.98 7.15
C TYR A 80 -11.86 -4.85 6.19
N ALA A 81 -12.86 -4.06 6.56
CA ALA A 81 -13.26 -2.93 5.74
C ALA A 81 -12.20 -1.86 5.96
N TYR A 82 -12.17 -0.83 5.11
CA TYR A 82 -11.19 0.25 5.24
C TYR A 82 -11.16 0.85 6.65
N ALA A 83 -12.34 1.19 7.18
CA ALA A 83 -12.43 1.80 8.51
C ALA A 83 -11.76 0.96 9.59
N GLU A 84 -11.91 -0.36 9.50
CA GLU A 84 -11.31 -1.23 10.50
C GLU A 84 -9.79 -1.25 10.35
N HIS A 85 -9.30 -1.33 9.12
CA HIS A 85 -7.87 -1.31 8.88
C HIS A 85 -7.27 0.00 9.41
N ARG A 86 -7.99 1.10 9.20
CA ARG A 86 -7.52 2.40 9.66
C ARG A 86 -7.39 2.43 11.18
N ASP A 87 -8.39 1.91 11.88
CA ASP A 87 -8.33 1.92 13.33
C ASP A 87 -7.10 1.18 13.84
N TYR A 88 -6.77 0.04 13.23
CA TYR A 88 -5.59 -0.69 13.67
C TYR A 88 -4.30 0.01 13.27
N LEU A 89 -4.19 0.44 12.02
CA LEU A 89 -2.99 1.11 11.56
C LEU A 89 -2.73 2.43 12.30
N ASP A 90 -3.79 3.16 12.60
CA ASP A 90 -3.67 4.42 13.33
C ASP A 90 -3.05 4.12 14.70
N ALA A 91 -3.58 3.10 15.37
CA ALA A 91 -3.09 2.72 16.69
C ALA A 91 -1.65 2.21 16.63
N LEU A 92 -1.31 1.49 15.56
CA LEU A 92 0.04 0.98 15.42
C LEU A 92 1.03 2.12 15.21
N TRP A 93 0.68 3.04 14.31
CA TRP A 93 1.55 4.18 14.03
C TRP A 93 1.72 5.08 15.25
N GLU A 94 0.68 5.14 16.09
CA GLU A 94 0.74 5.95 17.30
C GLU A 94 1.69 5.26 18.28
N ALA A 95 1.56 3.94 18.37
CA ALA A 95 2.41 3.15 19.27
C ALA A 95 3.88 3.19 18.90
N LEU A 96 4.18 3.39 17.62
CA LEU A 96 5.56 3.43 17.15
C LEU A 96 6.33 4.72 17.47
N ASP A 97 5.63 5.73 17.98
CA ASP A 97 6.27 7.00 18.34
C ASP A 97 7.07 7.54 17.16
N LEU A 98 6.35 7.87 16.10
CA LEU A 98 6.94 8.35 14.84
C LEU A 98 7.49 9.77 14.79
N GLY A 99 7.07 10.62 15.72
CA GLY A 99 7.57 11.99 15.70
C GLY A 99 6.80 12.86 14.71
N ASP A 100 7.33 14.04 14.40
CA ASP A 100 6.63 14.95 13.50
C ASP A 100 7.27 15.31 12.15
N ARG A 101 8.19 14.47 11.67
CA ARG A 101 8.82 14.69 10.36
C ARG A 101 8.85 13.35 9.64
N VAL A 102 7.66 12.81 9.38
CA VAL A 102 7.50 11.51 8.73
C VAL A 102 7.47 11.56 7.21
N VAL A 103 8.18 10.63 6.58
CA VAL A 103 8.15 10.54 5.13
C VAL A 103 7.38 9.26 4.82
N LEU A 104 6.29 9.41 4.07
CA LEU A 104 5.46 8.28 3.72
C LEU A 104 5.78 7.76 2.33
N VAL A 105 5.83 6.44 2.18
CA VAL A 105 6.10 5.79 0.89
C VAL A 105 4.93 4.82 0.80
N VAL A 106 4.00 5.09 -0.11
CA VAL A 106 2.80 4.27 -0.20
C VAL A 106 2.47 3.64 -1.55
N HIS A 107 1.60 2.62 -1.49
CA HIS A 107 1.18 1.87 -2.67
C HIS A 107 -0.20 1.27 -2.45
N ASP A 108 -1.02 1.25 -3.50
CA ASP A 108 -2.34 0.63 -3.44
C ASP A 108 -3.13 1.04 -2.19
N TRP A 109 -3.67 0.09 -1.44
CA TRP A 109 -4.43 0.45 -0.25
C TRP A 109 -3.57 1.13 0.80
N GLY A 110 -2.26 0.94 0.71
CA GLY A 110 -1.37 1.59 1.64
C GLY A 110 -1.40 3.09 1.37
N SER A 111 -1.70 3.47 0.12
CA SER A 111 -1.76 4.89 -0.21
C SER A 111 -3.09 5.49 0.25
N ALA A 112 -4.17 4.73 0.16
CA ALA A 112 -5.46 5.24 0.61
C ALA A 112 -5.34 5.50 2.12
N LEU A 113 -4.75 4.55 2.83
CA LEU A 113 -4.55 4.66 4.27
C LEU A 113 -3.55 5.76 4.59
N GLY A 114 -2.44 5.79 3.85
CA GLY A 114 -1.42 6.79 4.08
C GLY A 114 -1.86 8.21 3.75
N PHE A 115 -2.58 8.38 2.65
CA PHE A 115 -3.05 9.70 2.25
C PHE A 115 -4.02 10.24 3.30
N ASP A 116 -4.91 9.38 3.77
CA ASP A 116 -5.90 9.76 4.79
C ASP A 116 -5.21 10.13 6.09
N TRP A 117 -4.21 9.34 6.49
CA TRP A 117 -3.47 9.61 7.71
C TRP A 117 -2.76 10.95 7.59
N ALA A 118 -2.15 11.18 6.43
CA ALA A 118 -1.43 12.43 6.19
C ALA A 118 -2.37 13.62 6.29
N ARG A 119 -3.55 13.52 5.71
CA ARG A 119 -4.51 14.62 5.77
C ARG A 119 -4.87 14.92 7.22
N ARG A 120 -4.97 13.87 8.02
CA ARG A 120 -5.33 13.99 9.43
C ARG A 120 -4.19 14.35 10.37
N HIS A 121 -2.95 14.23 9.89
CA HIS A 121 -1.77 14.56 10.69
C HIS A 121 -0.77 15.34 9.83
N ARG A 122 -1.30 16.20 8.98
CA ARG A 122 -0.50 16.98 8.04
C ARG A 122 0.74 17.70 8.58
N GLU A 123 0.69 18.11 9.84
N GLU A 123 0.69 18.11 9.84
CA GLU A 123 1.82 18.81 10.45
CA GLU A 123 1.82 18.82 10.44
C GLU A 123 3.00 17.89 10.74
C GLU A 123 3.01 17.90 10.72
N ARG A 124 2.75 16.59 10.73
CA ARG A 124 3.79 15.60 10.99
C ARG A 124 4.35 14.96 9.73
N VAL A 125 3.86 15.40 8.57
CA VAL A 125 4.30 14.83 7.30
C VAL A 125 5.31 15.70 6.56
N GLN A 126 6.53 15.19 6.45
CA GLN A 126 7.62 15.87 5.78
C GLN A 126 7.61 15.65 4.27
N GLY A 127 7.09 14.50 3.84
CA GLY A 127 7.05 14.21 2.42
C GLY A 127 6.24 12.96 2.11
N ILE A 128 5.75 12.88 0.88
CA ILE A 128 4.95 11.74 0.48
C ILE A 128 5.38 11.18 -0.88
N ALA A 129 5.83 9.93 -0.88
CA ALA A 129 6.23 9.25 -2.11
C ALA A 129 5.13 8.23 -2.38
N TYR A 130 4.58 8.23 -3.59
CA TYR A 130 3.50 7.30 -3.91
C TYR A 130 3.61 6.73 -5.30
N MET A 131 2.97 5.58 -5.50
CA MET A 131 3.00 4.89 -6.78
C MET A 131 1.81 3.95 -6.87
N GLU A 132 1.25 3.81 -8.07
CA GLU A 132 0.10 2.93 -8.29
C GLU A 132 -0.80 3.00 -7.05
N ALA A 133 -1.32 4.19 -6.83
CA ALA A 133 -2.14 4.50 -5.68
C ALA A 133 -3.62 4.70 -6.00
N ILE A 134 -4.41 4.84 -4.95
CA ILE A 134 -5.84 5.09 -5.05
C ILE A 134 -5.88 6.57 -4.68
N ALA A 135 -5.60 7.42 -5.66
CA ALA A 135 -5.54 8.86 -5.44
C ALA A 135 -6.86 9.61 -5.45
N MET A 136 -7.94 8.95 -5.84
CA MET A 136 -9.25 9.59 -5.90
C MET A 136 -10.33 8.57 -6.21
N PRO A 137 -11.60 8.94 -5.99
CA PRO A 137 -12.68 8.00 -6.30
C PRO A 137 -12.66 7.85 -7.83
N ILE A 138 -12.98 6.68 -8.34
CA ILE A 138 -12.98 6.50 -9.79
C ILE A 138 -14.27 5.89 -10.31
N GLU A 139 -14.35 5.73 -11.62
CA GLU A 139 -15.50 5.15 -12.28
C GLU A 139 -15.01 3.86 -12.93
N TRP A 140 -15.91 2.99 -13.35
CA TRP A 140 -15.48 1.75 -13.97
C TRP A 140 -14.65 1.99 -15.23
N ALA A 141 -14.95 3.06 -15.96
CA ALA A 141 -14.19 3.37 -17.16
C ALA A 141 -12.73 3.65 -16.83
N ASP A 142 -12.47 4.04 -15.58
CA ASP A 142 -11.12 4.35 -15.15
C ASP A 142 -10.35 3.11 -14.70
N PHE A 143 -11.06 2.02 -14.46
CA PHE A 143 -10.42 0.79 -14.00
C PHE A 143 -9.80 0.04 -15.17
N PRO A 144 -8.58 -0.48 -14.99
CA PRO A 144 -7.88 -1.22 -16.06
C PRO A 144 -8.83 -2.21 -16.74
N GLU A 145 -8.95 -2.08 -18.06
CA GLU A 145 -9.82 -2.93 -18.84
C GLU A 145 -9.59 -4.44 -18.70
N GLN A 146 -8.33 -4.87 -18.66
CA GLN A 146 -8.05 -6.30 -18.56
C GLN A 146 -8.50 -6.94 -17.24
N ASP A 147 -8.59 -6.14 -16.18
CA ASP A 147 -8.98 -6.67 -14.87
C ASP A 147 -10.39 -6.25 -14.45
N ARG A 148 -11.04 -5.45 -15.27
CA ARG A 148 -12.37 -4.94 -14.96
C ARG A 148 -13.40 -6.02 -14.61
N ASP A 149 -13.56 -7.03 -15.45
CA ASP A 149 -14.54 -8.08 -15.19
C ASP A 149 -14.26 -8.85 -13.89
N LEU A 150 -13.00 -9.18 -13.65
CA LEU A 150 -12.63 -9.92 -12.46
C LEU A 150 -12.95 -9.15 -11.18
N PHE A 151 -12.60 -7.87 -11.14
CA PHE A 151 -12.88 -7.08 -9.96
C PHE A 151 -14.37 -6.83 -9.78
N GLN A 152 -15.12 -6.84 -10.88
CA GLN A 152 -16.55 -6.67 -10.75
C GLN A 152 -17.07 -7.97 -10.12
N ALA A 153 -16.43 -9.09 -10.46
CA ALA A 153 -16.80 -10.39 -9.92
C ALA A 153 -16.47 -10.44 -8.42
N PHE A 154 -15.34 -9.86 -8.03
CA PHE A 154 -14.97 -9.84 -6.61
C PHE A 154 -16.07 -9.11 -5.86
N ARG A 155 -16.56 -8.02 -6.46
CA ARG A 155 -17.60 -7.22 -5.84
C ARG A 155 -18.99 -7.76 -6.12
N SER A 156 -19.10 -9.09 -6.11
CA SER A 156 -20.37 -9.77 -6.32
C SER A 156 -20.33 -11.01 -5.45
N GLN A 157 -21.43 -11.77 -5.45
CA GLN A 157 -21.48 -12.97 -4.63
C GLN A 157 -20.45 -14.01 -5.05
N ALA A 158 -19.87 -13.86 -6.24
CA ALA A 158 -18.87 -14.81 -6.72
C ALA A 158 -17.51 -14.62 -6.07
N GLY A 159 -17.34 -13.48 -5.39
CA GLY A 159 -16.08 -13.17 -4.74
C GLY A 159 -15.59 -14.19 -3.73
N GLU A 160 -16.48 -14.71 -2.90
CA GLU A 160 -16.10 -15.69 -1.90
C GLU A 160 -15.39 -16.91 -2.49
N GLU A 161 -15.99 -17.52 -3.52
CA GLU A 161 -15.37 -18.69 -4.15
C GLU A 161 -14.05 -18.32 -4.80
N LEU A 162 -14.04 -17.22 -5.54
CA LEU A 162 -12.82 -16.78 -6.20
C LEU A 162 -11.65 -16.57 -5.26
N VAL A 163 -11.89 -15.84 -4.18
CA VAL A 163 -10.84 -15.52 -3.22
C VAL A 163 -10.67 -16.41 -2.01
N LEU A 164 -11.73 -16.62 -1.26
CA LEU A 164 -11.63 -17.46 -0.06
C LEU A 164 -11.30 -18.91 -0.39
N GLN A 165 -11.91 -19.44 -1.45
CA GLN A 165 -11.67 -20.83 -1.83
C GLN A 165 -10.46 -21.01 -2.74
N ASP A 166 -10.38 -20.20 -3.79
CA ASP A 166 -9.29 -20.35 -4.76
C ASP A 166 -8.10 -19.38 -4.68
N ASN A 167 -8.14 -18.46 -3.73
CA ASN A 167 -7.03 -17.52 -3.52
C ASN A 167 -6.58 -16.80 -4.78
N VAL A 168 -7.55 -16.39 -5.60
CA VAL A 168 -7.27 -15.71 -6.84
C VAL A 168 -6.47 -14.40 -6.74
N PHE A 169 -6.70 -13.59 -5.71
CA PHE A 169 -5.95 -12.34 -5.64
C PHE A 169 -4.46 -12.59 -5.48
N VAL A 170 -4.11 -13.56 -4.65
CA VAL A 170 -2.72 -13.92 -4.41
C VAL A 170 -2.07 -14.69 -5.57
N GLU A 171 -2.77 -15.71 -6.05
CA GLU A 171 -2.25 -16.57 -7.10
C GLU A 171 -2.43 -16.12 -8.54
N GLN A 172 -3.43 -15.29 -8.81
CA GLN A 172 -3.67 -14.82 -10.18
C GLN A 172 -3.36 -13.35 -10.40
N VAL A 173 -4.01 -12.47 -9.64
CA VAL A 173 -3.81 -11.03 -9.81
C VAL A 173 -2.38 -10.60 -9.52
N LEU A 174 -1.83 -11.02 -8.39
CA LEU A 174 -0.48 -10.64 -8.02
C LEU A 174 0.56 -10.92 -9.11
N PRO A 175 0.65 -12.17 -9.59
CA PRO A 175 1.64 -12.46 -10.64
C PRO A 175 1.27 -11.77 -11.96
N GLY A 176 -0.03 -11.71 -12.23
CA GLY A 176 -0.50 -11.11 -13.46
C GLY A 176 -0.17 -9.63 -13.61
N LEU A 177 0.13 -8.96 -12.50
CA LEU A 177 0.45 -7.54 -12.54
C LEU A 177 1.91 -7.24 -12.22
N ILE A 178 2.76 -8.23 -12.47
CA ILE A 178 4.21 -8.11 -12.28
C ILE A 178 4.79 -8.58 -13.61
N LEU A 179 5.61 -7.74 -14.23
CA LEU A 179 6.20 -8.04 -15.54
C LEU A 179 7.23 -9.17 -15.59
N ARG A 180 8.07 -9.27 -14.56
CA ARG A 180 9.09 -10.31 -14.53
C ARG A 180 8.64 -11.53 -13.73
N PRO A 181 9.15 -12.72 -14.07
CA PRO A 181 8.78 -13.94 -13.36
C PRO A 181 9.26 -13.98 -11.91
N LEU A 182 8.36 -14.29 -10.99
CA LEU A 182 8.70 -14.37 -9.58
C LEU A 182 9.31 -15.74 -9.28
N SER A 183 10.14 -15.83 -8.24
CA SER A 183 10.76 -17.10 -7.87
C SER A 183 9.87 -17.88 -6.92
N GLU A 184 10.22 -19.14 -6.71
CA GLU A 184 9.48 -20.01 -5.80
C GLU A 184 9.39 -19.38 -4.42
N ALA A 185 10.53 -18.90 -3.93
CA ALA A 185 10.61 -18.29 -2.60
C ALA A 185 9.78 -17.01 -2.50
N GLU A 186 9.78 -16.21 -3.56
CA GLU A 186 9.02 -14.97 -3.52
C GLU A 186 7.52 -15.24 -3.42
N MET A 187 7.02 -16.19 -4.22
CA MET A 187 5.60 -16.50 -4.15
C MET A 187 5.27 -17.14 -2.80
N ALA A 188 6.19 -17.93 -2.27
CA ALA A 188 5.98 -18.57 -0.98
C ALA A 188 5.76 -17.51 0.09
N ALA A 189 6.54 -16.44 0.04
CA ALA A 189 6.43 -15.36 1.00
C ALA A 189 5.09 -14.63 0.85
N TYR A 190 4.62 -14.50 -0.38
CA TYR A 190 3.36 -13.82 -0.61
C TYR A 190 2.13 -14.65 -0.26
N ARG A 191 2.18 -15.96 -0.48
CA ARG A 191 1.03 -16.78 -0.14
C ARG A 191 1.02 -17.27 1.31
N GLU A 192 2.15 -17.16 2.01
CA GLU A 192 2.24 -17.63 3.39
C GLU A 192 1.09 -17.21 4.31
N PRO A 193 0.74 -15.92 4.34
CA PRO A 193 -0.36 -15.48 5.21
C PRO A 193 -1.73 -16.00 4.77
N PHE A 194 -1.80 -16.54 3.56
CA PHE A 194 -3.06 -17.02 3.01
C PHE A 194 -3.04 -18.48 2.55
N LEU A 195 -2.24 -19.30 3.21
CA LEU A 195 -2.12 -20.71 2.84
C LEU A 195 -3.41 -21.47 3.10
N ALA A 196 -4.16 -21.08 4.12
CA ALA A 196 -5.40 -21.77 4.45
C ALA A 196 -6.61 -21.18 3.73
N ALA A 197 -7.43 -22.05 3.14
CA ALA A 197 -8.64 -21.61 2.46
C ALA A 197 -9.59 -21.06 3.53
N GLY A 198 -10.50 -20.18 3.12
CA GLY A 198 -11.44 -19.64 4.08
C GLY A 198 -11.18 -18.22 4.52
N GLU A 199 -11.66 -17.88 5.71
CA GLU A 199 -11.52 -16.53 6.25
C GLU A 199 -10.10 -15.97 6.34
N ALA A 200 -9.10 -16.85 6.36
CA ALA A 200 -7.72 -16.38 6.43
C ALA A 200 -7.43 -15.45 5.26
N ARG A 201 -8.12 -15.69 4.14
CA ARG A 201 -7.95 -14.90 2.91
C ARG A 201 -8.93 -13.73 2.79
N ARG A 202 -9.81 -13.58 3.77
CA ARG A 202 -10.82 -12.51 3.74
C ARG A 202 -10.28 -11.10 3.44
N PRO A 203 -9.11 -10.74 3.99
CA PRO A 203 -8.59 -9.39 3.70
C PRO A 203 -8.39 -9.12 2.22
N THR A 204 -8.06 -10.17 1.45
CA THR A 204 -7.82 -9.99 0.02
C THR A 204 -9.09 -9.89 -0.81
N LEU A 205 -10.23 -10.14 -0.18
CA LEU A 205 -11.53 -10.04 -0.84
C LEU A 205 -12.22 -8.75 -0.37
N SER A 206 -12.10 -8.44 0.92
CA SER A 206 -12.70 -7.24 1.46
C SER A 206 -12.09 -5.98 0.83
N TRP A 207 -10.80 -6.03 0.55
CA TRP A 207 -10.12 -4.88 -0.05
C TRP A 207 -10.70 -4.44 -1.40
N PRO A 208 -10.81 -5.37 -2.36
CA PRO A 208 -11.37 -4.96 -3.65
C PRO A 208 -12.81 -4.47 -3.55
N ARG A 209 -13.52 -4.91 -2.52
CA ARG A 209 -14.90 -4.51 -2.31
C ARG A 209 -14.95 -3.12 -1.66
N GLN A 210 -13.78 -2.59 -1.30
CA GLN A 210 -13.69 -1.28 -0.68
C GLN A 210 -13.21 -0.19 -1.64
N ILE A 211 -12.71 -0.59 -2.81
CA ILE A 211 -12.24 0.38 -3.78
C ILE A 211 -13.37 1.34 -4.10
N PRO A 212 -13.11 2.66 -4.01
CA PRO A 212 -14.13 3.68 -4.30
C PRO A 212 -14.39 3.76 -5.80
N ILE A 213 -15.34 2.96 -6.27
CA ILE A 213 -15.68 2.93 -7.69
C ILE A 213 -17.17 3.16 -7.89
N ALA A 214 -17.49 4.05 -8.82
CA ALA A 214 -18.87 4.38 -9.15
C ALA A 214 -19.73 4.70 -7.93
N GLY A 215 -19.14 5.41 -6.96
CA GLY A 215 -19.87 5.81 -5.77
C GLY A 215 -20.00 4.84 -4.61
N THR A 216 -19.49 3.63 -4.77
CA THR A 216 -19.58 2.61 -3.73
C THR A 216 -18.21 1.99 -3.40
N PRO A 217 -17.92 1.81 -2.10
CA PRO A 217 -18.75 2.14 -0.94
C PRO A 217 -18.69 3.63 -0.64
N ALA A 218 -19.83 4.20 -0.25
CA ALA A 218 -19.92 5.63 0.03
C ALA A 218 -18.90 6.19 1.03
N ASP A 219 -18.65 5.48 2.12
CA ASP A 219 -17.73 5.99 3.13
C ASP A 219 -16.29 6.11 2.63
N VAL A 220 -15.82 5.13 1.85
CA VAL A 220 -14.47 5.20 1.32
C VAL A 220 -14.40 6.24 0.21
N VAL A 221 -15.49 6.39 -0.55
CA VAL A 221 -15.54 7.39 -1.60
C VAL A 221 -15.38 8.78 -1.00
N ALA A 222 -16.06 9.02 0.11
CA ALA A 222 -15.97 10.31 0.79
C ALA A 222 -14.57 10.56 1.34
N ILE A 223 -13.97 9.52 1.91
CA ILE A 223 -12.62 9.62 2.46
C ILE A 223 -11.63 9.96 1.34
N ALA A 224 -11.75 9.26 0.22
CA ALA A 224 -10.87 9.49 -0.92
C ALA A 224 -11.10 10.87 -1.53
N ARG A 225 -12.37 11.28 -1.59
N ARG A 225 -12.37 11.27 -1.58
CA ARG A 225 -12.68 12.60 -2.13
CA ARG A 225 -12.73 12.58 -2.11
C ARG A 225 -11.99 13.65 -1.25
C ARG A 225 -12.03 13.64 -1.26
N ASP A 226 -11.97 13.38 0.05
CA ASP A 226 -11.35 14.28 1.01
C ASP A 226 -9.84 14.42 0.81
N TYR A 227 -9.12 13.30 0.84
CA TYR A 227 -7.67 13.41 0.66
C TYR A 227 -7.26 13.81 -0.75
N ALA A 228 -8.13 13.55 -1.73
CA ALA A 228 -7.83 13.93 -3.10
C ALA A 228 -7.82 15.46 -3.16
N GLY A 229 -8.85 16.06 -2.59
CA GLY A 229 -8.93 17.52 -2.59
C GLY A 229 -7.77 18.14 -1.85
N TRP A 230 -7.46 17.57 -0.69
CA TRP A 230 -6.36 18.08 0.12
C TRP A 230 -5.02 17.97 -0.58
N LEU A 231 -4.70 16.78 -1.09
CA LEU A 231 -3.43 16.56 -1.78
C LEU A 231 -3.26 17.47 -3.00
N SER A 232 -4.36 17.81 -3.66
CA SER A 232 -4.29 18.67 -4.85
C SER A 232 -3.94 20.10 -4.48
N GLU A 233 -4.01 20.42 -3.18
CA GLU A 233 -3.71 21.77 -2.70
C GLU A 233 -2.57 21.85 -1.70
N SER A 234 -2.18 20.72 -1.11
CA SER A 234 -1.11 20.70 -0.12
C SER A 234 0.28 20.99 -0.68
N PRO A 235 1.07 21.83 0.03
CA PRO A 235 2.42 22.16 -0.44
C PRO A 235 3.46 21.16 0.05
N ILE A 236 3.01 20.10 0.73
CA ILE A 236 3.94 19.08 1.20
C ILE A 236 4.66 18.47 0.01
N PRO A 237 6.00 18.35 0.08
CA PRO A 237 6.75 17.77 -1.05
C PRO A 237 6.27 16.37 -1.40
N LYS A 238 6.16 16.08 -2.70
CA LYS A 238 5.71 14.77 -3.13
C LYS A 238 6.60 14.17 -4.22
N LEU A 239 6.64 12.85 -4.25
CA LEU A 239 7.39 12.10 -5.25
C LEU A 239 6.39 11.13 -5.86
N PHE A 240 6.08 11.34 -7.13
CA PHE A 240 5.15 10.48 -7.84
C PHE A 240 5.95 9.55 -8.74
N ILE A 241 5.97 8.28 -8.38
CA ILE A 241 6.67 7.29 -9.19
C ILE A 241 5.64 6.68 -10.14
N ASN A 242 5.65 7.20 -11.36
CA ASN A 242 4.75 6.74 -12.42
C ASN A 242 5.27 5.42 -12.97
N ALA A 243 4.38 4.62 -13.55
CA ALA A 243 4.78 3.34 -14.11
C ALA A 243 4.36 3.18 -15.57
N GLU A 244 5.16 2.44 -16.31
CA GLU A 244 4.90 2.17 -17.72
C GLU A 244 4.95 0.66 -17.92
N PRO A 245 3.86 0.05 -18.38
CA PRO A 245 2.57 0.65 -18.74
C PRO A 245 1.73 1.12 -17.55
N GLY A 246 2.07 0.66 -16.36
CA GLY A 246 1.29 1.04 -15.19
C GLY A 246 -0.04 0.31 -15.21
N ALA A 247 -0.91 0.60 -14.26
CA ALA A 247 -2.20 -0.06 -14.20
C ALA A 247 -3.28 0.82 -13.58
N LEU A 248 -3.25 0.95 -12.26
CA LEU A 248 -4.25 1.76 -11.55
C LEU A 248 -4.05 3.25 -11.74
N THR A 249 -2.82 3.72 -11.60
CA THR A 249 -2.57 5.14 -11.76
C THR A 249 -2.19 5.48 -13.19
N THR A 250 -3.22 5.49 -14.04
CA THR A 250 -3.09 5.80 -15.45
C THR A 250 -4.33 6.62 -15.80
N GLY A 251 -4.50 6.96 -17.07
CA GLY A 251 -5.66 7.72 -17.49
C GLY A 251 -6.02 8.91 -16.62
N ARG A 252 -7.31 9.06 -16.32
CA ARG A 252 -7.78 10.18 -15.52
C ARG A 252 -7.08 10.36 -14.17
N MET A 253 -6.89 9.27 -13.44
CA MET A 253 -6.24 9.38 -12.14
C MET A 253 -4.82 9.93 -12.26
N ARG A 254 -4.08 9.47 -13.26
CA ARG A 254 -2.72 9.96 -13.46
C ARG A 254 -2.79 11.43 -13.83
N ASP A 255 -3.78 11.80 -14.64
CA ASP A 255 -3.94 13.20 -15.05
C ASP A 255 -4.15 14.04 -13.79
N PHE A 256 -4.93 13.52 -12.86
CA PHE A 256 -5.22 14.22 -11.62
C PHE A 256 -3.96 14.33 -10.76
N CYS A 257 -3.27 13.20 -10.55
CA CYS A 257 -2.06 13.20 -9.74
C CYS A 257 -1.02 14.19 -10.26
N ARG A 258 -0.96 14.35 -11.57
CA ARG A 258 0.01 15.27 -12.14
C ARG A 258 -0.31 16.75 -11.91
N THR A 259 -1.45 17.03 -11.28
CA THR A 259 -1.80 18.42 -10.98
C THR A 259 -1.36 18.77 -9.56
N TRP A 260 -0.96 17.75 -8.80
CA TRP A 260 -0.55 17.96 -7.41
C TRP A 260 0.70 18.85 -7.29
N PRO A 261 0.67 19.81 -6.36
CA PRO A 261 1.75 20.77 -6.08
C PRO A 261 3.05 20.21 -5.51
N ASN A 262 4.14 20.91 -5.78
CA ASN A 262 5.47 20.57 -5.26
C ASN A 262 5.78 19.08 -5.42
N GLN A 263 5.60 18.59 -6.64
CA GLN A 263 5.80 17.19 -6.92
C GLN A 263 6.87 16.87 -7.96
N THR A 264 7.67 15.86 -7.65
CA THR A 264 8.72 15.37 -8.52
C THR A 264 8.17 14.07 -9.07
N GLU A 265 8.41 13.80 -10.35
CA GLU A 265 7.92 12.58 -10.96
C GLU A 265 8.99 11.88 -11.77
N ILE A 266 9.01 10.55 -11.69
CA ILE A 266 9.92 9.74 -12.48
C ILE A 266 9.08 8.57 -12.97
N THR A 267 9.49 7.94 -14.06
CA THR A 267 8.74 6.81 -14.59
C THR A 267 9.61 5.55 -14.56
N VAL A 268 9.05 4.46 -14.05
CA VAL A 268 9.77 3.20 -13.99
C VAL A 268 8.93 2.13 -14.67
N ALA A 269 9.58 1.03 -15.07
CA ALA A 269 8.90 -0.07 -15.74
C ALA A 269 8.06 -0.86 -14.74
N GLY A 270 6.87 -1.28 -15.15
CA GLY A 270 6.02 -2.06 -14.27
C GLY A 270 4.53 -1.89 -14.54
N ALA A 271 3.73 -2.78 -13.98
CA ALA A 271 2.27 -2.72 -14.13
C ALA A 271 1.69 -2.17 -12.84
N HIS A 272 1.34 -3.03 -11.90
CA HIS A 272 0.81 -2.55 -10.61
C HIS A 272 1.79 -2.75 -9.46
N PHE A 273 2.24 -3.97 -9.24
CA PHE A 273 3.19 -4.25 -8.16
C PHE A 273 4.59 -3.92 -8.68
N ILE A 274 4.78 -2.66 -9.05
CA ILE A 274 6.04 -2.22 -9.64
C ILE A 274 7.29 -2.42 -8.79
N GLN A 275 7.12 -2.65 -7.50
CA GLN A 275 8.27 -2.88 -6.62
C GLN A 275 9.03 -4.15 -7.01
N GLU A 276 8.36 -5.08 -7.68
CA GLU A 276 9.00 -6.32 -8.09
C GLU A 276 9.68 -6.19 -9.46
N ASP A 277 9.36 -5.12 -10.18
CA ASP A 277 9.95 -4.92 -11.50
C ASP A 277 11.08 -3.91 -11.54
N SER A 278 10.94 -2.81 -10.79
CA SER A 278 11.98 -1.78 -10.78
C SER A 278 12.33 -1.31 -9.37
N PRO A 279 12.72 -2.24 -8.49
CA PRO A 279 13.06 -1.91 -7.11
C PRO A 279 14.21 -0.92 -6.94
N ASP A 280 15.26 -1.08 -7.76
CA ASP A 280 16.41 -0.18 -7.64
C ASP A 280 16.11 1.23 -8.10
N GLU A 281 15.35 1.37 -9.18
CA GLU A 281 15.00 2.69 -9.68
C GLU A 281 14.13 3.36 -8.63
N ILE A 282 13.19 2.60 -8.07
CA ILE A 282 12.29 3.11 -7.05
C ILE A 282 13.03 3.49 -5.76
N GLY A 283 13.90 2.60 -5.30
CA GLY A 283 14.65 2.89 -4.09
C GLY A 283 15.55 4.09 -4.24
N ALA A 284 16.21 4.18 -5.39
CA ALA A 284 17.11 5.28 -5.68
C ALA A 284 16.38 6.62 -5.66
N ALA A 285 15.19 6.65 -6.26
CA ALA A 285 14.39 7.87 -6.31
C ALA A 285 13.93 8.30 -4.93
N ILE A 286 13.46 7.33 -4.14
CA ILE A 286 13.00 7.63 -2.79
C ILE A 286 14.15 8.17 -1.94
N ALA A 287 15.31 7.53 -2.03
CA ALA A 287 16.47 7.96 -1.25
C ALA A 287 16.89 9.37 -1.62
N ALA A 288 16.85 9.69 -2.91
CA ALA A 288 17.23 11.03 -3.39
C ALA A 288 16.21 12.05 -2.86
N PHE A 289 14.95 11.65 -2.89
CA PHE A 289 13.85 12.49 -2.41
C PHE A 289 14.12 12.79 -0.93
N VAL A 290 14.41 11.76 -0.15
CA VAL A 290 14.68 11.94 1.26
C VAL A 290 15.94 12.79 1.52
N 2MR A 291 16.98 12.60 0.72
CA 2MR A 291 18.21 13.39 0.91
CB 2MR A 291 19.32 12.92 -0.04
CG 2MR A 291 19.89 11.56 0.36
CD 2MR A 291 21.17 11.21 -0.36
NE 2MR A 291 21.58 9.86 0.01
CZ 2MR A 291 21.41 8.74 -0.70
NH1 2MR A 291 21.81 7.59 -0.16
CQ1 2MR A 291 22.41 7.56 1.17
NH2 2MR A 291 20.93 8.70 -1.95
CQ2 2MR A 291 20.51 9.88 -2.70
C 2MR A 291 17.94 14.88 0.71
O 2MR A 291 18.56 15.72 1.37
N ARG A 292 17.01 15.20 -0.19
CA ARG A 292 16.66 16.60 -0.44
C ARG A 292 15.79 17.14 0.69
N LEU A 293 15.00 16.27 1.31
CA LEU A 293 14.12 16.66 2.40
C LEU A 293 14.87 16.75 3.73
N ARG A 294 15.99 16.05 3.83
CA ARG A 294 16.78 16.03 5.05
C ARG A 294 18.23 16.39 4.78
N PRO A 295 18.48 17.62 4.30
CA PRO A 295 19.84 18.07 4.00
C PRO A 295 20.70 18.15 5.23
N ALA A 296 21.99 17.86 5.05
CA ALA A 296 22.96 17.91 6.14
C ALA A 296 22.77 19.20 6.95
CA CA B . 12.93 16.35 15.10
CA CA C . 3.64 -11.83 -14.53
CL CL D . -7.93 -4.41 -3.98
C1 1BO E . -4.87 -3.27 -12.06
C2 1BO E . -5.75 -2.93 -10.85
C3 1BO E . -4.86 -2.42 -9.70
C4 1BO E . -5.00 -3.37 -8.49
OH 1BO E . -5.85 -2.77 -7.50
C1 1BO F . -4.82 -3.27 -12.12
C2 1BO F . -4.70 -2.95 -10.62
C3 1BO F . -5.84 -3.64 -9.86
C4 1BO F . -5.88 -3.11 -8.41
OH 1BO F . -5.12 -3.97 -7.55
C1 1BO G . 12.68 20.60 -1.36
C2 1BO G . 11.82 19.36 -1.63
C3 1BO G . 12.41 18.60 -2.84
C4 1BO G . 11.78 17.20 -2.88
OH 1BO G . 12.01 16.61 -4.17
#